data_6GI6
#
_entry.id   6GI6
#
_cell.length_a   66.149
_cell.length_b   66.149
_cell.length_c   145.993
_cell.angle_alpha   90.000
_cell.angle_beta   90.000
_cell.angle_gamma   120.000
#
_symmetry.space_group_name_H-M   'P 32 2 1'
#
loop_
_entity.id
_entity.type
_entity.pdbx_description
1 polymer 'Activin receptor type-1'
2 non-polymer 5-methyl-6-quinolin-5-yl-3~{H}-quinazolin-4-one
3 non-polymer 'SULFATE ION'
4 non-polymer 1,2-ETHANEDIOL
5 water water
#
_entity_poly.entity_id   1
_entity_poly.type   'polypeptide(L)'
_entity_poly.pdbx_seq_one_letter_code
;SMQRTVARDITLLECVGKGRYGEVWRGSWQGENVAVKIFSSRDEKSWFRETELYNTVMLRHENILGFIASDMTSRHSSTQ
LWLITHYHEMGSLYDYLQLTTLDTVSCLRIVLSIASGLAHLHIEIFGTQGKPAIAHRDLKSKNILVKKNGQCCIADLGLA
VMHSQSTNQLDVGNNPRVGTKRYMAPEVLDETIQVDCFDSYKRVDIWAFGLVLWEVARRMVSNGIVEDYKPPFYDVVPND
PSFEDMRKVVCVDQQRPNIPNRWFSDPTLTSLAKLMKECWYQNPSARLTALRIKKTLTKID
;
_entity_poly.pdbx_strand_id   A
#
loop_
_chem_comp.id
_chem_comp.type
_chem_comp.name
_chem_comp.formula
EDO non-polymer 1,2-ETHANEDIOL 'C2 H6 O2'
EZB non-polymer 5-methyl-6-quinolin-5-yl-3~{H}-quinazolin-4-one 'C18 H13 N3 O'
SO4 non-polymer 'SULFATE ION' 'O4 S -2'
#
# COMPACT_ATOMS: atom_id res chain seq x y z
N ARG A 4 21.88 -3.80 -17.05
CA ARG A 4 22.75 -2.64 -17.18
C ARG A 4 22.83 -1.87 -15.86
N THR A 5 21.69 -1.70 -15.19
CA THR A 5 21.67 -1.02 -13.90
C THR A 5 22.04 -2.00 -12.80
N VAL A 6 23.19 -1.79 -12.16
CA VAL A 6 23.66 -2.66 -11.09
C VAL A 6 24.08 -1.80 -9.90
N ALA A 7 24.04 -2.43 -8.72
CA ALA A 7 24.33 -1.70 -7.49
C ALA A 7 25.70 -1.03 -7.54
N ARG A 8 26.70 -1.70 -8.11
CA ARG A 8 28.05 -1.14 -8.15
C ARG A 8 28.07 0.25 -8.77
N ASP A 9 27.14 0.54 -9.68
CA ASP A 9 27.16 1.77 -10.45
C ASP A 9 26.26 2.86 -9.88
N ILE A 10 25.63 2.63 -8.74
CA ILE A 10 24.73 3.60 -8.14
C ILE A 10 25.49 4.32 -7.02
N THR A 11 25.34 5.65 -6.98
CA THR A 11 25.91 6.46 -5.92
C THR A 11 24.82 6.76 -4.90
N LEU A 12 24.99 6.27 -3.68
CA LEU A 12 24.04 6.56 -2.62
C LEU A 12 24.23 8.01 -2.16
N LEU A 13 23.19 8.82 -2.35
CA LEU A 13 23.28 10.26 -2.08
C LEU A 13 22.65 10.65 -0.75
N GLU A 14 21.42 10.20 -0.49
CA GLU A 14 20.68 10.64 0.68
C GLU A 14 19.81 9.51 1.18
N CYS A 15 19.72 9.38 2.51
CA CYS A 15 18.83 8.41 3.13
C CYS A 15 17.47 9.07 3.33
N VAL A 16 16.45 8.53 2.66
CA VAL A 16 15.10 9.08 2.74
C VAL A 16 14.17 8.22 3.58
N GLY A 17 14.64 7.09 4.10
CA GLY A 17 13.80 6.24 4.92
C GLY A 17 14.56 5.21 5.72
N LYS A 18 14.10 4.94 6.94
CA LYS A 18 14.69 3.92 7.79
C LYS A 18 13.59 3.23 8.60
N GLY A 19 13.76 1.94 8.81
CA GLY A 19 12.79 1.17 9.55
C GLY A 19 13.29 -0.23 9.80
N ARG A 20 12.42 -1.06 10.38
CA ARG A 20 12.77 -2.46 10.60
C ARG A 20 12.97 -3.21 9.30
N TYR A 21 12.57 -2.64 8.17
CA TYR A 21 12.80 -3.22 6.85
C TYR A 21 14.20 -3.01 6.35
N GLY A 22 14.92 -2.03 6.90
CA GLY A 22 16.18 -1.59 6.34
C GLY A 22 16.20 -0.10 6.09
N GLU A 23 16.71 0.33 4.94
CA GLU A 23 16.78 1.74 4.61
C GLU A 23 16.35 1.96 3.17
N VAL A 24 15.88 3.16 2.89
CA VAL A 24 15.63 3.61 1.53
C VAL A 24 16.56 4.76 1.25
N TRP A 25 17.21 4.72 0.09
CA TRP A 25 18.15 5.74 -0.32
C TRP A 25 17.71 6.36 -1.64
N ARG A 26 18.01 7.65 -1.79
CA ARG A 26 18.03 8.27 -3.10
C ARG A 26 19.42 8.07 -3.68
N GLY A 27 19.49 7.45 -4.85
CA GLY A 27 20.75 7.15 -5.49
C GLY A 27 20.83 7.81 -6.85
N SER A 28 22.06 8.08 -7.29
CA SER A 28 22.33 8.60 -8.62
C SER A 28 22.85 7.47 -9.50
N TRP A 29 22.16 7.19 -10.58
CA TRP A 29 22.63 6.24 -11.59
C TRP A 29 22.68 6.97 -12.92
N GLN A 30 23.89 7.31 -13.37
CA GLN A 30 24.08 8.06 -14.61
C GLN A 30 23.34 9.40 -14.53
N GLY A 31 23.59 10.13 -13.45
CA GLY A 31 22.88 11.39 -13.19
C GLY A 31 21.45 11.24 -12.68
N GLU A 32 20.66 10.35 -13.28
CA GLU A 32 19.26 10.23 -12.94
C GLU A 32 19.11 9.72 -11.51
N ASN A 33 18.06 10.20 -10.83
CA ASN A 33 17.74 9.72 -9.49
C ASN A 33 17.10 8.34 -9.56
N VAL A 34 17.50 7.46 -8.65
CA VAL A 34 16.87 6.16 -8.47
C VAL A 34 16.58 5.97 -6.98
N ALA A 35 15.63 5.09 -6.70
CA ALA A 35 15.30 4.73 -5.33
C ALA A 35 15.88 3.35 -5.04
N VAL A 36 16.56 3.22 -3.91
CA VAL A 36 17.21 1.97 -3.52
C VAL A 36 16.75 1.61 -2.12
N LYS A 37 16.15 0.45 -1.97
CA LYS A 37 15.82 -0.11 -0.67
C LYS A 37 16.87 -1.16 -0.32
N ILE A 38 17.60 -0.93 0.75
CA ILE A 38 18.62 -1.86 1.22
C ILE A 38 17.99 -2.62 2.39
N PHE A 39 17.75 -3.91 2.20
CA PHE A 39 16.95 -4.66 3.17
C PHE A 39 17.76 -5.01 4.40
N SER A 40 17.11 -4.95 5.55
CA SER A 40 17.74 -5.39 6.79
C SER A 40 17.86 -6.91 6.79
N SER A 41 18.77 -7.42 7.63
CA SER A 41 18.94 -8.85 7.71
C SER A 41 17.63 -9.53 8.09
N ARG A 42 16.86 -8.93 9.00
CA ARG A 42 15.64 -9.56 9.47
C ARG A 42 14.55 -9.58 8.41
N ASP A 43 14.69 -8.80 7.32
CA ASP A 43 13.67 -8.69 6.30
C ASP A 43 14.10 -9.32 4.98
N GLU A 44 15.08 -10.22 5.01
CA GLU A 44 15.62 -10.76 3.77
C GLU A 44 14.57 -11.54 2.98
N LYS A 45 13.61 -12.16 3.67
CA LYS A 45 12.58 -12.89 2.95
C LYS A 45 11.71 -11.97 2.12
N SER A 46 11.49 -10.73 2.55
CA SER A 46 10.70 -9.80 1.74
C SER A 46 11.43 -9.44 0.46
N TRP A 47 12.76 -9.34 0.52
CA TRP A 47 13.53 -9.10 -0.70
C TRP A 47 13.37 -10.24 -1.69
N PHE A 48 13.45 -11.49 -1.20
CA PHE A 48 13.24 -12.62 -2.10
C PHE A 48 11.87 -12.57 -2.73
N ARG A 49 10.83 -12.25 -1.95
CA ARG A 49 9.48 -12.22 -2.50
C ARG A 49 9.33 -11.13 -3.54
N GLU A 50 9.82 -9.92 -3.23
CA GLU A 50 9.73 -8.82 -4.20
C GLU A 50 10.55 -9.12 -5.45
N THR A 51 11.73 -9.73 -5.29
CA THR A 51 12.53 -10.10 -6.45
C THR A 51 11.79 -11.11 -7.32
N GLU A 52 11.01 -11.99 -6.71
CA GLU A 52 10.23 -12.95 -7.49
C GLU A 52 9.12 -12.24 -8.27
N LEU A 53 8.37 -11.36 -7.60
CA LEU A 53 7.27 -10.67 -8.26
C LEU A 53 7.78 -9.79 -9.40
N TYR A 54 8.82 -9.01 -9.14
CA TYR A 54 9.30 -8.06 -10.14
C TYR A 54 10.06 -8.74 -11.27
N ASN A 55 10.76 -9.83 -11.00
CA ASN A 55 11.57 -10.48 -12.03
C ASN A 55 10.84 -11.63 -12.71
N THR A 56 10.27 -12.55 -11.93
CA THR A 56 9.64 -13.73 -12.51
C THR A 56 8.21 -13.44 -12.96
N VAL A 57 7.40 -12.83 -12.09
CA VAL A 57 6.04 -12.45 -12.50
C VAL A 57 6.06 -11.20 -13.38
N MET A 58 7.16 -10.44 -13.37
CA MET A 58 7.31 -9.29 -14.25
C MET A 58 6.22 -8.25 -14.00
N LEU A 59 5.97 -7.97 -12.72
CA LEU A 59 4.93 -7.00 -12.37
C LEU A 59 5.30 -5.62 -12.90
N ARG A 60 4.34 -4.97 -13.57
CA ARG A 60 4.57 -3.67 -14.19
C ARG A 60 3.22 -3.02 -14.46
N HIS A 61 3.00 -1.84 -13.90
CA HIS A 61 1.75 -1.09 -14.08
C HIS A 61 2.02 0.35 -13.66
N GLU A 62 1.36 1.29 -14.33
CA GLU A 62 1.63 2.70 -14.05
C GLU A 62 1.28 3.09 -12.61
N ASN A 63 0.40 2.35 -11.94
CA ASN A 63 0.10 2.61 -10.54
C ASN A 63 0.78 1.62 -9.59
N ILE A 64 1.85 0.97 -10.06
CA ILE A 64 2.71 0.14 -9.22
C ILE A 64 4.13 0.69 -9.33
N LEU A 65 4.80 0.85 -8.19
CA LEU A 65 6.16 1.39 -8.18
C LEU A 65 7.00 0.73 -9.26
N GLY A 66 7.62 1.55 -10.10
CA GLY A 66 8.39 1.06 -11.23
C GLY A 66 9.69 0.36 -10.84
N PHE A 67 9.75 -0.94 -11.08
CA PHE A 67 10.93 -1.73 -10.78
C PHE A 67 12.01 -1.48 -11.81
N ILE A 68 13.27 -1.38 -11.35
CA ILE A 68 14.44 -1.27 -12.23
C ILE A 68 15.27 -2.55 -12.21
N ALA A 69 15.75 -2.95 -11.04
CA ALA A 69 16.56 -4.17 -10.99
C ALA A 69 16.67 -4.66 -9.55
N SER A 70 16.89 -5.97 -9.42
CA SER A 70 17.30 -6.59 -8.17
C SER A 70 18.80 -6.81 -8.23
N ASP A 71 19.47 -6.66 -7.10
CA ASP A 71 20.91 -6.85 -7.08
C ASP A 71 21.35 -7.25 -5.68
N MET A 72 22.55 -7.82 -5.61
CA MET A 72 23.23 -8.07 -4.34
C MET A 72 24.60 -7.42 -4.40
N THR A 73 24.98 -6.75 -3.32
CA THR A 73 26.28 -6.09 -3.25
C THR A 73 26.94 -6.43 -1.93
N SER A 74 28.19 -6.84 -1.98
CA SER A 74 28.97 -7.13 -0.79
C SER A 74 29.69 -5.86 -0.36
N ARG A 75 29.42 -5.41 0.86
CA ARG A 75 30.01 -4.18 1.37
C ARG A 75 30.11 -4.32 2.87
N HIS A 76 31.23 -3.87 3.44
CA HIS A 76 31.45 -3.95 4.88
C HIS A 76 31.47 -5.40 5.37
N SER A 77 31.98 -6.31 4.56
CA SER A 77 32.09 -7.72 4.95
C SER A 77 30.71 -8.33 5.21
N SER A 78 29.70 -7.81 4.53
CA SER A 78 28.35 -8.36 4.54
C SER A 78 27.79 -8.26 3.13
N THR A 79 26.68 -8.95 2.89
CA THR A 79 26.03 -8.93 1.58
C THR A 79 24.66 -8.27 1.72
N GLN A 80 24.47 -7.17 1.01
CA GLN A 80 23.24 -6.41 1.05
C GLN A 80 22.34 -6.79 -0.12
N LEU A 81 21.05 -6.91 0.15
CA LEU A 81 20.04 -7.18 -0.87
C LEU A 81 19.37 -5.87 -1.27
N TRP A 82 19.54 -5.47 -2.52
CA TRP A 82 19.03 -4.21 -3.03
C TRP A 82 17.80 -4.43 -3.91
N LEU A 83 16.87 -3.48 -3.84
CA LEU A 83 15.74 -3.38 -4.75
C LEU A 83 15.76 -1.96 -5.31
N ILE A 84 16.05 -1.84 -6.61
CA ILE A 84 16.23 -0.54 -7.26
C ILE A 84 14.98 -0.22 -8.04
N THR A 85 14.40 0.97 -7.80
CA THR A 85 13.14 1.37 -8.42
C THR A 85 13.23 2.81 -8.90
N HIS A 86 12.22 3.22 -9.67
CA HIS A 86 12.06 4.63 -10.02
C HIS A 86 12.07 5.49 -8.76
N TYR A 87 12.47 6.75 -8.91
CA TYR A 87 12.45 7.71 -7.82
C TYR A 87 11.42 8.80 -8.08
N HIS A 88 10.54 9.03 -7.11
CA HIS A 88 9.46 10.01 -7.24
C HIS A 88 9.77 11.19 -6.32
N GLU A 89 10.01 12.36 -6.93
CA GLU A 89 10.40 13.53 -6.15
C GLU A 89 9.38 13.87 -5.08
N MET A 90 8.09 13.67 -5.36
CA MET A 90 7.04 14.06 -4.42
C MET A 90 7.01 13.18 -3.17
N GLY A 91 7.59 11.99 -3.22
CA GLY A 91 7.73 11.16 -2.04
C GLY A 91 6.54 10.26 -1.76
N SER A 92 6.48 9.77 -0.52
CA SER A 92 5.39 8.90 -0.11
C SER A 92 4.13 9.71 0.11
N LEU A 93 2.99 9.05 -0.11
CA LEU A 93 1.71 9.66 0.19
C LEU A 93 1.64 10.11 1.65
N TYR A 94 2.28 9.36 2.55
CA TYR A 94 2.29 9.71 3.96
C TYR A 94 2.95 11.06 4.20
N ASP A 95 4.14 11.27 3.64
CA ASP A 95 4.80 12.56 3.81
C ASP A 95 4.08 13.64 3.02
N TYR A 96 3.58 13.28 1.83
CA TYR A 96 2.98 14.28 0.95
C TYR A 96 1.74 14.91 1.59
N LEU A 97 0.85 14.09 2.14
CA LEU A 97 -0.37 14.63 2.74
C LEU A 97 -0.04 15.60 3.87
N GLN A 98 1.09 15.41 4.54
CA GLN A 98 1.42 16.30 5.64
C GLN A 98 1.96 17.65 5.18
N LEU A 99 2.26 17.79 3.90
CA LEU A 99 2.86 19.02 3.39
C LEU A 99 1.93 19.85 2.51
N THR A 100 0.73 19.36 2.20
CA THR A 100 -0.19 20.10 1.35
C THR A 100 -1.61 19.60 1.59
N THR A 101 -2.57 20.44 1.23
CA THR A 101 -3.97 20.05 1.15
C THR A 101 -4.36 19.81 -0.31
N LEU A 102 -5.55 19.27 -0.51
CA LEU A 102 -6.02 18.85 -1.82
C LEU A 102 -7.32 19.55 -2.18
N ASP A 103 -7.51 19.79 -3.48
CA ASP A 103 -8.82 20.15 -4.01
C ASP A 103 -9.54 18.87 -4.42
N THR A 104 -10.73 19.01 -4.99
CA THR A 104 -11.53 17.83 -5.31
C THR A 104 -10.85 16.99 -6.39
N VAL A 105 -10.35 17.63 -7.44
CA VAL A 105 -9.76 16.87 -8.53
C VAL A 105 -8.55 16.10 -8.04
N SER A 106 -7.69 16.75 -7.25
CA SER A 106 -6.47 16.07 -6.81
C SER A 106 -6.78 14.96 -5.83
N CYS A 107 -7.81 15.13 -5.00
CA CYS A 107 -8.18 14.08 -4.07
C CYS A 107 -8.63 12.84 -4.83
N LEU A 108 -9.51 13.02 -5.82
CA LEU A 108 -10.05 11.87 -6.54
C LEU A 108 -8.98 11.23 -7.42
N ARG A 109 -8.14 12.04 -8.07
CA ARG A 109 -7.05 11.46 -8.85
C ARG A 109 -6.18 10.55 -8.00
N ILE A 110 -5.90 10.94 -6.76
CA ILE A 110 -5.07 10.11 -5.88
C ILE A 110 -5.77 8.78 -5.59
N VAL A 111 -7.00 8.82 -5.08
CA VAL A 111 -7.59 7.58 -4.59
C VAL A 111 -7.96 6.66 -5.76
N LEU A 112 -8.38 7.22 -6.89
CA LEU A 112 -8.64 6.39 -8.05
C LEU A 112 -7.36 5.68 -8.53
N SER A 113 -6.24 6.41 -8.57
CA SER A 113 -4.99 5.80 -9.02
C SER A 113 -4.60 4.63 -8.12
N ILE A 114 -4.84 4.75 -6.80
CA ILE A 114 -4.56 3.65 -5.88
C ILE A 114 -5.50 2.47 -6.14
N ALA A 115 -6.80 2.76 -6.31
CA ALA A 115 -7.76 1.74 -6.68
C ALA A 115 -7.34 1.03 -7.97
N SER A 116 -6.91 1.80 -8.97
CA SER A 116 -6.49 1.19 -10.21
C SER A 116 -5.25 0.32 -10.00
N GLY A 117 -4.35 0.75 -9.12
CA GLY A 117 -3.20 -0.08 -8.82
C GLY A 117 -3.60 -1.38 -8.13
N LEU A 118 -4.54 -1.29 -7.18
CA LEU A 118 -4.96 -2.47 -6.43
C LEU A 118 -5.76 -3.42 -7.30
N ALA A 119 -6.66 -2.89 -8.12
CA ALA A 119 -7.37 -3.73 -9.08
C ALA A 119 -6.39 -4.50 -9.97
N HIS A 120 -5.32 -3.83 -10.43
CA HIS A 120 -4.36 -4.52 -11.27
C HIS A 120 -3.78 -5.73 -10.55
N LEU A 121 -3.43 -5.56 -9.26
CA LEU A 121 -2.88 -6.68 -8.50
C LEU A 121 -3.89 -7.81 -8.39
N HIS A 122 -5.11 -7.49 -7.97
CA HIS A 122 -6.11 -8.50 -7.60
C HIS A 122 -6.61 -9.31 -8.78
N ILE A 123 -6.53 -8.78 -9.99
CA ILE A 123 -7.19 -9.39 -11.14
C ILE A 123 -6.18 -10.22 -11.91
N GLU A 124 -6.44 -11.52 -12.02
CA GLU A 124 -5.60 -12.41 -12.82
C GLU A 124 -5.78 -12.11 -14.30
N ILE A 125 -4.71 -12.30 -15.06
CA ILE A 125 -4.74 -12.22 -16.51
C ILE A 125 -4.44 -13.62 -17.03
N PHE A 126 -5.38 -14.20 -17.76
CA PHE A 126 -5.29 -15.61 -18.10
C PHE A 126 -4.50 -15.82 -19.39
N GLY A 127 -4.09 -17.06 -19.62
CA GLY A 127 -3.42 -17.44 -20.84
C GLY A 127 -1.91 -17.61 -20.65
N THR A 128 -1.27 -17.90 -21.78
CA THR A 128 0.18 -18.11 -21.81
C THR A 128 0.91 -16.96 -21.12
N GLN A 129 1.72 -17.31 -20.13
CA GLN A 129 2.50 -16.33 -19.35
C GLN A 129 1.60 -15.32 -18.64
N GLY A 130 0.35 -15.68 -18.36
CA GLY A 130 -0.54 -14.76 -17.68
C GLY A 130 -0.03 -14.39 -16.30
N LYS A 131 -0.51 -13.26 -15.83
CA LYS A 131 -0.19 -12.79 -14.49
C LYS A 131 -1.19 -13.35 -13.48
N PRO A 132 -0.74 -13.88 -12.35
CA PRO A 132 -1.68 -14.37 -11.34
C PRO A 132 -2.33 -13.22 -10.58
N ALA A 133 -3.42 -13.55 -9.90
CA ALA A 133 -4.01 -12.62 -8.95
C ALA A 133 -3.07 -12.44 -7.76
N ILE A 134 -2.93 -11.19 -7.31
CA ILE A 134 -1.98 -10.83 -6.27
C ILE A 134 -2.68 -10.00 -5.21
N ALA A 135 -2.49 -10.37 -3.95
CA ALA A 135 -2.93 -9.58 -2.80
C ALA A 135 -1.70 -8.98 -2.13
N HIS A 136 -1.80 -7.71 -1.74
CA HIS A 136 -0.64 -6.94 -1.28
C HIS A 136 -0.28 -7.27 0.17
N ARG A 137 -1.22 -7.03 1.09
CA ARG A 137 -1.19 -7.43 2.51
C ARG A 137 -0.46 -6.44 3.41
N ASP A 138 0.11 -5.36 2.88
CA ASP A 138 0.67 -4.30 3.72
C ASP A 138 0.41 -2.94 3.09
N LEU A 139 -0.77 -2.74 2.53
CA LEU A 139 -1.12 -1.46 1.95
C LEU A 139 -1.24 -0.41 3.05
N LYS A 140 -0.62 0.75 2.83
CA LYS A 140 -0.63 1.86 3.78
C LYS A 140 -0.05 3.07 3.07
N SER A 141 -0.25 4.24 3.69
CA SER A 141 0.16 5.48 3.04
C SER A 141 1.67 5.57 2.86
N LYS A 142 2.44 4.94 3.75
CA LYS A 142 3.89 4.92 3.58
C LYS A 142 4.34 4.01 2.44
N ASN A 143 3.50 3.06 2.03
CA ASN A 143 3.78 2.18 0.90
C ASN A 143 3.14 2.68 -0.39
N ILE A 144 2.84 3.97 -0.47
CA ILE A 144 2.30 4.59 -1.67
C ILE A 144 3.13 5.83 -1.97
N LEU A 145 3.46 6.01 -3.25
CA LEU A 145 4.25 7.16 -3.68
C LEU A 145 3.43 8.03 -4.63
N VAL A 146 3.74 9.32 -4.65
CA VAL A 146 3.03 10.32 -5.43
C VAL A 146 3.89 10.68 -6.64
N LYS A 147 3.33 10.53 -7.83
CA LYS A 147 4.04 10.80 -9.07
C LYS A 147 3.83 12.25 -9.49
N LYS A 148 4.61 12.69 -10.49
CA LYS A 148 4.52 14.08 -10.91
C LYS A 148 3.18 14.40 -11.56
N ASN A 149 2.51 13.41 -12.14
CA ASN A 149 1.22 13.67 -12.77
C ASN A 149 0.06 13.64 -11.79
N GLY A 150 0.34 13.65 -10.48
CA GLY A 150 -0.70 13.66 -9.48
C GLY A 150 -1.26 12.32 -9.11
N GLN A 151 -0.99 11.27 -9.89
CA GLN A 151 -1.37 9.92 -9.54
C GLN A 151 -0.36 9.31 -8.56
N CYS A 152 -0.72 8.16 -8.01
CA CYS A 152 0.12 7.45 -7.06
C CYS A 152 0.50 6.09 -7.63
N CYS A 153 1.37 5.38 -6.92
CA CYS A 153 1.66 4.00 -7.24
C CYS A 153 1.95 3.23 -5.97
N ILE A 154 1.60 1.95 -5.97
CA ILE A 154 1.71 1.07 -4.80
C ILE A 154 3.08 0.39 -4.80
N ALA A 155 3.71 0.33 -3.62
CA ALA A 155 5.03 -0.24 -3.48
C ALA A 155 5.02 -1.30 -2.37
N ASP A 156 6.15 -2.00 -2.22
CA ASP A 156 6.37 -2.99 -1.17
C ASP A 156 5.54 -4.26 -1.37
N LEU A 157 6.03 -5.17 -2.20
CA LEU A 157 5.38 -6.46 -2.45
C LEU A 157 5.99 -7.58 -1.62
N GLY A 158 6.56 -7.27 -0.46
CA GLY A 158 7.27 -8.26 0.33
C GLY A 158 6.36 -9.33 0.91
N LEU A 159 5.08 -9.02 1.10
CA LEU A 159 4.10 -9.96 1.64
C LEU A 159 3.12 -10.48 0.59
N ALA A 160 3.36 -10.23 -0.69
CA ALA A 160 2.39 -10.57 -1.70
C ALA A 160 1.99 -12.04 -1.62
N VAL A 161 0.71 -12.30 -1.88
CA VAL A 161 0.17 -13.65 -2.01
C VAL A 161 -0.47 -13.75 -3.39
N MET A 162 -0.25 -14.89 -4.05
CA MET A 162 -0.65 -15.07 -5.43
C MET A 162 -1.58 -16.27 -5.57
N HIS A 163 -2.40 -16.23 -6.61
CA HIS A 163 -3.42 -17.25 -6.84
C HIS A 163 -3.69 -17.36 -8.33
N SER A 164 -3.93 -18.58 -8.80
CA SER A 164 -4.28 -18.85 -10.19
C SER A 164 -5.57 -19.65 -10.21
N GLN A 165 -6.60 -19.11 -10.87
CA GLN A 165 -7.89 -19.79 -10.92
C GLN A 165 -7.77 -21.16 -11.54
N SER A 166 -6.99 -21.29 -12.61
CA SER A 166 -6.89 -22.53 -13.35
C SER A 166 -6.47 -23.68 -12.44
N THR A 167 -5.23 -23.64 -11.95
CA THR A 167 -4.74 -24.67 -11.04
C THR A 167 -5.29 -24.54 -9.63
N ASN A 168 -6.00 -23.45 -9.33
CA ASN A 168 -6.44 -23.16 -7.97
C ASN A 168 -5.27 -23.20 -6.99
N GLN A 169 -4.07 -22.85 -7.47
CA GLN A 169 -2.88 -22.87 -6.64
C GLN A 169 -2.77 -21.56 -5.86
N LEU A 170 -2.71 -21.67 -4.54
CA LEU A 170 -2.46 -20.52 -3.67
C LEU A 170 -1.01 -20.53 -3.22
N ASP A 171 -0.31 -19.42 -3.43
CA ASP A 171 1.09 -19.26 -3.07
C ASP A 171 1.18 -18.14 -2.04
N VAL A 172 1.32 -18.52 -0.76
CA VAL A 172 1.43 -17.55 0.33
C VAL A 172 2.88 -17.23 0.66
N GLY A 173 3.83 -17.90 0.03
CA GLY A 173 5.23 -17.66 0.31
C GLY A 173 5.66 -18.22 1.65
N ASN A 174 6.74 -17.67 2.17
CA ASN A 174 7.29 -18.09 3.47
C ASN A 174 8.01 -16.89 4.07
N ASN A 175 7.26 -16.07 4.80
CA ASN A 175 7.79 -14.83 5.33
C ASN A 175 7.31 -14.60 6.75
N PRO A 176 8.21 -14.60 7.74
CA PRO A 176 7.79 -14.33 9.12
C PRO A 176 7.33 -12.89 9.32
N ARG A 177 7.44 -12.04 8.31
CA ARG A 177 7.00 -10.65 8.43
C ARG A 177 5.48 -10.59 8.60
N VAL A 178 5.03 -9.69 9.44
CA VAL A 178 3.61 -9.47 9.68
C VAL A 178 3.27 -8.05 9.25
N GLY A 179 2.10 -7.87 8.65
CA GLY A 179 1.67 -6.57 8.20
C GLY A 179 1.68 -5.53 9.31
N THR A 180 1.64 -4.27 8.87
CA THR A 180 1.58 -3.15 9.80
C THR A 180 0.36 -3.28 10.71
N LYS A 181 0.59 -3.29 12.02
CA LYS A 181 -0.51 -3.56 12.95
C LYS A 181 -1.58 -2.47 12.89
N ARG A 182 -1.17 -1.21 12.71
CA ARG A 182 -2.16 -0.14 12.66
C ARG A 182 -3.21 -0.36 11.58
N TYR A 183 -2.85 -1.01 10.48
CA TYR A 183 -3.76 -1.20 9.35
C TYR A 183 -4.32 -2.61 9.29
N MET A 184 -4.19 -3.39 10.36
CA MET A 184 -4.61 -4.79 10.33
C MET A 184 -6.12 -4.89 10.38
N ALA A 185 -6.68 -5.73 9.51
CA ALA A 185 -8.11 -5.94 9.48
C ALA A 185 -8.57 -6.74 10.69
N PRO A 186 -9.85 -6.64 11.06
CA PRO A 186 -10.32 -7.35 12.25
C PRO A 186 -10.15 -8.85 12.19
N GLU A 187 -10.45 -9.48 11.06
CA GLU A 187 -10.30 -10.93 10.96
C GLU A 187 -8.86 -11.36 11.17
N VAL A 188 -7.89 -10.47 10.94
CA VAL A 188 -6.50 -10.76 11.28
C VAL A 188 -6.28 -10.62 12.78
N LEU A 189 -6.74 -9.52 13.37
CA LEU A 189 -6.49 -9.28 14.78
C LEU A 189 -7.11 -10.34 15.68
N ASP A 190 -8.24 -10.93 15.29
CA ASP A 190 -8.85 -11.99 16.10
C ASP A 190 -8.73 -13.36 15.45
N GLU A 191 -7.91 -13.49 14.41
CA GLU A 191 -7.44 -14.79 13.92
C GLU A 191 -8.57 -15.69 13.43
N THR A 192 -9.59 -15.08 12.84
CA THR A 192 -10.63 -15.84 12.16
C THR A 192 -10.41 -15.91 10.66
N ILE A 193 -9.46 -15.12 10.14
CA ILE A 193 -9.22 -15.08 8.70
C ILE A 193 -8.93 -16.49 8.19
N GLN A 194 -9.48 -16.79 7.02
CA GLN A 194 -9.31 -18.10 6.39
C GLN A 194 -8.05 -18.04 5.53
N VAL A 195 -6.98 -18.65 6.03
CA VAL A 195 -5.65 -18.45 5.44
C VAL A 195 -5.44 -19.26 4.17
N ASP A 196 -6.25 -20.27 3.91
CA ASP A 196 -6.14 -21.04 2.67
C ASP A 196 -7.22 -20.66 1.67
N CYS A 197 -7.71 -19.43 1.73
CA CYS A 197 -8.67 -18.91 0.77
C CYS A 197 -8.14 -17.59 0.25
N PHE A 198 -7.93 -17.50 -1.06
CA PHE A 198 -7.27 -16.32 -1.60
C PHE A 198 -8.10 -15.06 -1.37
N ASP A 199 -9.42 -15.18 -1.47
CA ASP A 199 -10.28 -14.01 -1.30
C ASP A 199 -10.05 -13.34 0.05
N SER A 200 -9.61 -14.11 1.06
CA SER A 200 -9.36 -13.54 2.38
C SER A 200 -8.30 -12.44 2.32
N TYR A 201 -7.25 -12.65 1.53
CA TYR A 201 -6.18 -11.66 1.48
C TYR A 201 -6.58 -10.45 0.67
N LYS A 202 -7.41 -10.62 -0.36
CA LYS A 202 -7.93 -9.45 -1.06
C LYS A 202 -8.75 -8.58 -0.12
N ARG A 203 -9.63 -9.20 0.66
CA ARG A 203 -10.48 -8.44 1.57
C ARG A 203 -9.66 -7.69 2.61
N VAL A 204 -8.48 -8.21 2.96
CA VAL A 204 -7.60 -7.48 3.86
C VAL A 204 -7.06 -6.22 3.20
N ASP A 205 -6.73 -6.31 1.90
CA ASP A 205 -6.32 -5.13 1.16
C ASP A 205 -7.43 -4.06 1.15
N ILE A 206 -8.68 -4.48 1.00
CA ILE A 206 -9.78 -3.52 0.91
C ILE A 206 -9.92 -2.77 2.22
N TRP A 207 -9.84 -3.48 3.35
CA TRP A 207 -9.88 -2.81 4.66
C TRP A 207 -8.80 -1.74 4.74
N ALA A 208 -7.56 -2.12 4.42
CA ALA A 208 -6.46 -1.16 4.45
C ALA A 208 -6.69 -0.02 3.47
N PHE A 209 -7.15 -0.33 2.25
CA PHE A 209 -7.47 0.73 1.30
C PHE A 209 -8.45 1.73 1.92
N GLY A 210 -9.54 1.23 2.50
CA GLY A 210 -10.49 2.12 3.14
C GLY A 210 -9.82 3.11 4.08
N LEU A 211 -8.80 2.65 4.82
CA LEU A 211 -8.12 3.52 5.77
C LEU A 211 -7.29 4.57 5.04
N VAL A 212 -6.64 4.20 3.94
CA VAL A 212 -5.89 5.17 3.15
C VAL A 212 -6.82 6.22 2.56
N LEU A 213 -7.98 5.79 2.06
CA LEU A 213 -8.96 6.72 1.53
C LEU A 213 -9.42 7.70 2.62
N TRP A 214 -9.53 7.23 3.86
CA TRP A 214 -9.82 8.13 4.97
C TRP A 214 -8.69 9.15 5.14
N GLU A 215 -7.44 8.69 5.11
CA GLU A 215 -6.29 9.57 5.28
C GLU A 215 -6.26 10.66 4.22
N VAL A 216 -6.63 10.31 2.99
CA VAL A 216 -6.56 11.27 1.89
C VAL A 216 -7.73 12.26 1.97
N ALA A 217 -8.95 11.74 2.16
CA ALA A 217 -10.12 12.60 2.14
C ALA A 217 -10.02 13.70 3.19
N ARG A 218 -9.46 13.38 4.37
CA ARG A 218 -9.34 14.38 5.42
C ARG A 218 -8.63 15.63 4.95
N ARG A 219 -7.74 15.48 3.96
CA ARG A 219 -6.93 16.58 3.46
C ARG A 219 -7.60 17.34 2.31
N MET A 220 -8.79 16.93 1.88
CA MET A 220 -9.50 17.64 0.84
C MET A 220 -10.25 18.80 1.45
N VAL A 221 -10.02 20.00 0.94
CA VAL A 221 -10.66 21.20 1.45
C VAL A 221 -12.10 21.25 0.95
N SER A 222 -13.04 21.56 1.84
CA SER A 222 -14.40 21.87 1.45
C SER A 222 -14.88 23.06 2.28
N ASN A 223 -15.43 24.06 1.59
CA ASN A 223 -15.99 25.25 2.24
C ASN A 223 -15.01 25.87 3.23
N GLY A 224 -13.73 25.90 2.85
CA GLY A 224 -12.72 26.52 3.69
C GLY A 224 -12.32 25.71 4.91
N ILE A 225 -12.68 24.43 4.98
CA ILE A 225 -12.38 23.58 6.11
C ILE A 225 -11.55 22.39 5.63
N VAL A 226 -10.69 21.88 6.51
CA VAL A 226 -9.86 20.73 6.21
C VAL A 226 -9.30 20.17 7.50
N GLU A 227 -9.20 18.84 7.60
CA GLU A 227 -8.61 18.19 8.77
C GLU A 227 -7.09 18.12 8.62
N ASP A 228 -6.39 18.24 9.74
CA ASP A 228 -4.97 17.97 9.75
C ASP A 228 -4.72 16.51 9.38
N TYR A 229 -3.56 16.24 8.78
CA TYR A 229 -3.22 14.85 8.54
C TYR A 229 -3.17 14.10 9.85
N LYS A 230 -3.78 12.92 9.88
CA LYS A 230 -3.64 12.02 11.00
C LYS A 230 -3.62 10.59 10.46
N PRO A 231 -2.89 9.69 11.12
CA PRO A 231 -2.93 8.28 10.72
C PRO A 231 -4.17 7.61 11.28
N PRO A 232 -4.57 6.47 10.73
CA PRO A 232 -5.79 5.82 11.22
C PRO A 232 -5.69 5.47 12.70
N PHE A 233 -6.77 5.73 13.42
CA PHE A 233 -6.86 5.38 14.84
C PHE A 233 -5.88 6.16 15.70
N TYR A 234 -5.49 7.35 15.21
CA TYR A 234 -4.56 8.22 15.95
C TYR A 234 -5.05 8.53 17.34
N ASP A 235 -6.36 8.48 17.59
CA ASP A 235 -6.93 8.95 18.84
C ASP A 235 -7.18 7.83 19.85
N VAL A 236 -7.01 6.57 19.47
CA VAL A 236 -7.29 5.45 20.37
C VAL A 236 -6.12 4.49 20.52
N VAL A 237 -5.02 4.71 19.81
CA VAL A 237 -3.84 3.85 19.95
C VAL A 237 -2.58 4.71 19.94
N PRO A 238 -1.54 4.24 20.62
CA PRO A 238 -0.28 4.99 20.65
C PRO A 238 0.53 4.72 19.38
N ASN A 239 1.67 5.39 19.27
CA ASN A 239 2.62 5.10 18.21
C ASN A 239 3.14 3.68 18.34
N ASP A 240 3.45 3.05 17.20
CA ASP A 240 3.85 1.65 17.15
C ASP A 240 2.85 0.80 17.93
N PRO A 241 1.57 0.82 17.56
CA PRO A 241 0.55 0.17 18.39
C PRO A 241 0.75 -1.33 18.47
N SER A 242 0.45 -1.88 19.64
CA SER A 242 0.57 -3.32 19.84
C SER A 242 -0.60 -4.06 19.21
N PHE A 243 -0.40 -5.37 19.03
CA PHE A 243 -1.49 -6.23 18.59
C PHE A 243 -2.70 -6.09 19.49
N GLU A 244 -2.50 -6.17 20.81
CA GLU A 244 -3.64 -6.07 21.74
C GLU A 244 -4.32 -4.70 21.63
N ASP A 245 -3.54 -3.65 21.42
CA ASP A 245 -4.14 -2.33 21.25
C ASP A 245 -5.11 -2.30 20.09
N MET A 246 -4.71 -2.88 18.95
CA MET A 246 -5.55 -2.82 17.76
C MET A 246 -6.81 -3.66 17.91
N ARG A 247 -6.70 -4.83 18.55
CA ARG A 247 -7.88 -5.67 18.67
C ARG A 247 -8.92 -5.03 19.59
N LYS A 248 -8.47 -4.35 20.64
CA LYS A 248 -9.39 -3.65 21.53
C LYS A 248 -10.19 -2.60 20.76
N VAL A 249 -9.51 -1.82 19.92
CA VAL A 249 -10.17 -0.75 19.18
C VAL A 249 -11.03 -1.34 18.06
N VAL A 250 -10.44 -2.17 17.21
CA VAL A 250 -11.08 -2.59 15.98
C VAL A 250 -12.09 -3.70 16.23
N CYS A 251 -11.75 -4.65 17.10
CA CYS A 251 -12.58 -5.83 17.35
C CYS A 251 -13.50 -5.65 18.54
N VAL A 252 -12.93 -5.40 19.72
CA VAL A 252 -13.73 -5.35 20.94
C VAL A 252 -14.73 -4.20 20.87
N ASP A 253 -14.23 -2.99 20.63
CA ASP A 253 -15.07 -1.80 20.60
C ASP A 253 -15.64 -1.52 19.21
N GLN A 254 -15.33 -2.36 18.22
CA GLN A 254 -15.90 -2.22 16.88
C GLN A 254 -15.79 -0.79 16.37
N GLN A 255 -14.66 -0.15 16.66
CA GLN A 255 -14.47 1.25 16.30
C GLN A 255 -13.94 1.38 14.88
N ARG A 256 -14.17 2.55 14.31
CA ARG A 256 -13.77 2.86 12.94
C ARG A 256 -13.40 4.32 12.86
N PRO A 257 -12.59 4.71 11.87
CA PRO A 257 -12.25 6.13 11.73
C PRO A 257 -13.51 7.00 11.67
N ASN A 258 -13.51 8.09 12.43
CA ASN A 258 -14.67 8.96 12.47
C ASN A 258 -14.79 9.79 11.19
N ILE A 259 -16.02 10.03 10.77
CA ILE A 259 -16.33 10.86 9.61
C ILE A 259 -16.58 12.28 10.09
N PRO A 260 -15.78 13.27 9.69
CA PRO A 260 -16.02 14.64 10.15
C PRO A 260 -17.34 15.16 9.60
N ASN A 261 -18.08 15.87 10.46
CA ASN A 261 -19.41 16.32 10.07
C ASN A 261 -19.35 17.24 8.85
N ARG A 262 -18.25 17.97 8.67
CA ARG A 262 -18.16 18.86 7.52
C ARG A 262 -18.16 18.11 6.20
N TRP A 263 -17.92 16.80 6.21
CA TRP A 263 -17.96 16.02 4.97
C TRP A 263 -19.37 15.97 4.40
N PHE A 264 -20.38 16.08 5.25
CA PHE A 264 -21.76 16.00 4.78
C PHE A 264 -22.23 17.28 4.11
N SER A 265 -21.38 18.30 4.03
CA SER A 265 -21.68 19.50 3.26
C SER A 265 -21.07 19.47 1.87
N ASP A 266 -20.33 18.41 1.53
CA ASP A 266 -19.68 18.30 0.24
C ASP A 266 -20.12 16.99 -0.42
N PRO A 267 -20.59 17.03 -1.67
CA PRO A 267 -21.05 15.79 -2.31
C PRO A 267 -19.94 14.77 -2.54
N THR A 268 -18.73 15.23 -2.86
CA THR A 268 -17.63 14.28 -3.06
C THR A 268 -17.29 13.55 -1.77
N LEU A 269 -17.07 14.30 -0.69
CA LEU A 269 -16.69 13.68 0.57
C LEU A 269 -17.80 12.80 1.14
N THR A 270 -19.07 13.18 0.90
CA THR A 270 -20.17 12.34 1.34
C THR A 270 -20.15 10.98 0.64
N SER A 271 -19.92 10.98 -0.68
CA SER A 271 -19.81 9.71 -1.40
C SER A 271 -18.55 8.94 -0.98
N LEU A 272 -17.45 9.64 -0.73
CA LEU A 272 -16.25 8.96 -0.25
C LEU A 272 -16.45 8.40 1.15
N ALA A 273 -17.22 9.11 1.99
CA ALA A 273 -17.52 8.59 3.32
C ALA A 273 -18.26 7.27 3.22
N LYS A 274 -19.26 7.20 2.33
CA LYS A 274 -19.97 5.94 2.10
C LYS A 274 -19.03 4.86 1.57
N LEU A 275 -18.21 5.20 0.57
CA LEU A 275 -17.27 4.23 0.01
C LEU A 275 -16.36 3.68 1.10
N MET A 276 -15.62 4.56 1.76
CA MET A 276 -14.87 4.25 2.98
C MET A 276 -15.52 3.14 3.80
N LYS A 277 -16.68 3.48 4.39
CA LYS A 277 -17.31 2.57 5.35
C LYS A 277 -17.60 1.20 4.74
N GLU A 278 -17.85 1.14 3.43
CA GLU A 278 -18.13 -0.15 2.80
C GLU A 278 -16.88 -0.98 2.61
N CYS A 279 -15.72 -0.47 3.02
CA CYS A 279 -14.50 -1.24 3.12
C CYS A 279 -14.28 -1.78 4.52
N TRP A 280 -15.07 -1.35 5.49
CA TRP A 280 -14.75 -1.53 6.89
C TRP A 280 -15.65 -2.54 7.59
N TYR A 281 -16.50 -3.25 6.86
CA TYR A 281 -17.38 -4.21 7.51
C TYR A 281 -16.57 -5.22 8.32
N GLN A 282 -17.03 -5.49 9.54
CA GLN A 282 -16.46 -6.59 10.31
C GLN A 282 -16.53 -7.89 9.51
N ASN A 283 -17.64 -8.12 8.82
CA ASN A 283 -17.84 -9.30 7.97
C ASN A 283 -17.02 -9.13 6.70
N PRO A 284 -15.88 -9.80 6.59
CA PRO A 284 -14.99 -9.55 5.45
C PRO A 284 -15.65 -9.68 4.09
N SER A 285 -16.65 -10.56 3.95
CA SER A 285 -17.27 -10.80 2.65
C SER A 285 -18.27 -9.71 2.27
N ALA A 286 -18.60 -8.78 3.17
CA ALA A 286 -19.48 -7.69 2.81
C ALA A 286 -18.75 -6.51 2.19
N ARG A 287 -17.42 -6.46 2.30
CA ARG A 287 -16.64 -5.36 1.74
C ARG A 287 -16.70 -5.35 0.21
N LEU A 288 -16.64 -4.14 -0.35
CA LEU A 288 -16.55 -3.98 -1.81
C LEU A 288 -15.27 -4.60 -2.35
N THR A 289 -15.30 -4.95 -3.64
CA THR A 289 -14.11 -5.44 -4.32
C THR A 289 -13.32 -4.26 -4.88
N ALA A 290 -12.04 -4.53 -5.21
CA ALA A 290 -11.20 -3.48 -5.75
C ALA A 290 -11.77 -2.90 -7.04
N LEU A 291 -12.24 -3.78 -7.93
CA LEU A 291 -12.84 -3.33 -9.19
C LEU A 291 -14.06 -2.46 -8.93
N ARG A 292 -14.88 -2.84 -7.94
CA ARG A 292 -16.06 -2.04 -7.62
C ARG A 292 -15.65 -0.66 -7.12
N ILE A 293 -14.69 -0.61 -6.19
CA ILE A 293 -14.16 0.66 -5.73
C ILE A 293 -13.70 1.49 -6.92
N LYS A 294 -12.91 0.89 -7.82
CA LYS A 294 -12.41 1.65 -8.96
C LYS A 294 -13.55 2.20 -9.80
N LYS A 295 -14.56 1.37 -10.08
CA LYS A 295 -15.73 1.84 -10.82
C LYS A 295 -16.38 3.03 -10.13
N THR A 296 -16.68 2.89 -8.84
CA THR A 296 -17.34 3.97 -8.11
C THR A 296 -16.51 5.24 -8.16
N LEU A 297 -15.21 5.14 -7.90
CA LEU A 297 -14.35 6.31 -7.91
C LEU A 297 -14.31 6.95 -9.30
N THR A 298 -14.48 6.15 -10.35
CA THR A 298 -14.51 6.72 -11.69
C THR A 298 -15.73 7.60 -11.89
N LYS A 299 -16.84 7.28 -11.22
CA LYS A 299 -18.10 8.02 -11.40
C LYS A 299 -18.22 9.21 -10.46
N ILE A 300 -17.64 9.15 -9.25
CA ILE A 300 -17.70 10.29 -8.35
C ILE A 300 -16.97 11.49 -8.96
N ASP A 301 -17.46 12.69 -8.65
CA ASP A 301 -16.88 13.92 -9.18
C ASP A 301 -17.04 15.12 -8.23
C01 EZB B . 10.09 4.70 -3.94
C02 EZB B . 10.31 5.33 -2.58
C03 EZB B . 10.19 4.56 -1.39
C04 EZB B . 10.38 5.17 -0.16
C05 EZB B . 10.71 6.51 -0.07
C06 EZB B . 10.84 7.28 -1.26
C07 EZB B . 10.65 6.72 -2.49
C08 EZB B . 10.81 7.60 -3.71
C10 EZB B . 11.33 9.51 -2.27
C13 EZB B . 9.83 3.22 -1.33
C14 EZB B . 8.66 2.95 -0.61
C15 EZB B . 8.18 1.65 -0.46
C16 EZB B . 8.88 0.59 -1.03
C17 EZB B . 10.06 0.85 -1.77
C18 EZB B . 10.55 2.13 -1.92
C19 EZB B . 11.74 2.32 -2.66
C20 EZB B . 12.39 1.21 -3.21
C21 EZB B . 11.86 -0.06 -3.03
N09 EZB B . 11.15 8.95 -3.55
N11 EZB B . 11.18 8.68 -1.11
N22 EZB B . 10.73 -0.22 -2.33
O12 EZB B . 10.66 7.20 -4.84
H011 EZB B . 9.52 5.28 -4.48
H013 EZB B . 9.65 3.82 -3.84
H012 EZB B . 10.96 4.59 -4.39
H041 EZB B . 10.28 4.65 0.66
H051 EZB B . 10.85 6.93 0.79
H101 EZB B . 11.57 10.45 -2.17
H141 EZB B . 8.17 3.70 -0.19
H151 EZB B . 7.36 1.49 0.03
H161 EZB B . 8.56 -0.33 -0.92
H191 EZB B . 12.10 3.22 -2.78
H201 EZB B . 13.21 1.34 -3.72
H211 EZB B . 12.31 -0.84 -3.40
H091 EZB B . 11.25 9.48 -4.29
S SO4 C . 2.95 3.20 13.55
O1 SO4 C . 2.64 4.08 14.66
O2 SO4 C . 1.72 2.82 12.84
O3 SO4 C . 3.84 3.85 12.60
O4 SO4 C . 3.59 1.99 14.06
S SO4 D . -16.43 16.56 14.07
O1 SO4 D . -17.34 16.99 15.14
O2 SO4 D . -17.10 16.75 12.78
O3 SO4 D . -16.12 15.15 14.25
O4 SO4 D . -15.20 17.35 14.10
S SO4 E . 29.65 -6.46 -5.72
O1 SO4 E . 29.76 -5.02 -5.50
O2 SO4 E . 28.59 -6.74 -6.68
O3 SO4 E . 30.92 -6.98 -6.21
O4 SO4 E . 29.34 -7.10 -4.45
S SO4 F . 7.30 10.75 -11.53
O1 SO4 F . 7.05 10.93 -10.09
O2 SO4 F . 6.33 11.51 -12.31
O3 SO4 F . 7.18 9.34 -11.88
O4 SO4 F . 8.65 11.23 -11.82
C1 EDO G . 22.71 16.04 -5.48
O1 EDO G . 21.34 15.65 -5.55
C2 EDO G . 23.38 15.38 -4.29
O2 EDO G . 22.71 15.75 -3.08
H11 EDO G . 23.23 15.75 -6.40
H12 EDO G . 22.78 17.13 -5.40
HO1 EDO G . 20.92 16.08 -6.30
H21 EDO G . 23.36 14.29 -4.41
H22 EDO G . 24.43 15.69 -4.23
HO2 EDO G . 23.13 15.33 -2.32
C1 EDO H . 24.36 1.47 2.79
O1 EDO H . 24.03 2.49 3.74
C2 EDO H . 25.76 0.94 3.06
O2 EDO H . 26.09 -0.07 2.10
H11 EDO H . 23.64 0.66 2.86
H12 EDO H . 24.31 1.88 1.78
HO1 EDO H . 23.14 2.80 3.58
H21 EDO H . 26.49 1.75 3.00
H22 EDO H . 25.81 0.51 4.07
HO2 EDO H . 26.99 -0.38 2.25
C1 EDO I . -17.76 -6.83 -7.94
O1 EDO I . -16.43 -6.57 -8.39
C2 EDO I . -18.68 -5.65 -8.23
O2 EDO I . -20.04 -6.04 -7.98
H11 EDO I . -18.14 -7.73 -8.45
H12 EDO I . -17.75 -7.04 -6.87
HO1 EDO I . -15.87 -7.36 -8.24
H21 EDO I . -18.41 -4.81 -7.60
H22 EDO I . -18.56 -5.35 -9.27
HO2 EDO I . -20.63 -5.31 -8.20
C1 EDO J . -11.32 5.68 15.90
O1 EDO J . -10.31 6.61 15.53
C2 EDO J . -12.60 6.45 16.19
O2 EDO J . -12.33 7.41 17.22
H11 EDO J . -11.01 5.12 16.79
H12 EDO J . -11.49 4.95 15.10
HO1 EDO J . -9.50 6.13 15.30
H21 EDO J . -12.95 6.96 15.29
H22 EDO J . -13.39 5.76 16.51
HO2 EDO J . -13.11 7.97 17.35
C1 EDO K . 4.40 -2.67 12.05
O1 EDO K . 3.37 -2.49 13.01
C2 EDO K . 4.77 -1.32 11.42
O2 EDO K . 4.75 -0.30 12.43
H11 EDO K . 5.29 -3.11 12.53
H12 EDO K . 4.08 -3.36 11.27
HO1 EDO K . 3.13 -3.36 13.39
H21 EDO K . 5.76 -1.38 10.97
H22 EDO K . 4.06 -1.08 10.64
HO2 EDO K . 5.00 0.54 12.04
C1 EDO L . 3.20 -7.49 20.25
O1 EDO L . 2.08 -6.89 19.60
C2 EDO L . 4.45 -6.65 19.95
O2 EDO L . 4.16 -5.27 20.23
H11 EDO L . 3.03 -7.53 21.33
H12 EDO L . 3.34 -8.50 19.89
HO1 EDO L . 1.27 -7.37 19.84
H21 EDO L . 5.27 -6.99 20.57
H22 EDO L . 4.73 -6.76 18.91
HO2 EDO L . 4.94 -4.73 20.03
C1 EDO M . -2.78 -12.49 7.25
O1 EDO M . -2.21 -13.81 7.23
C2 EDO M . -2.23 -11.70 6.08
O2 EDO M . -2.95 -10.48 5.95
H11 EDO M . -3.87 -12.56 7.17
H12 EDO M . -2.54 -12.00 8.19
HO1 EDO M . -2.55 -14.32 7.97
H21 EDO M . -1.17 -11.48 6.25
H22 EDO M . -2.30 -12.28 5.16
HO2 EDO M . -2.53 -9.93 5.27
C1 EDO N . -10.82 -7.73 -8.07
O1 EDO N . -11.98 -6.89 -8.06
C2 EDO N . -11.22 -9.16 -7.75
O2 EDO N . -11.94 -9.21 -6.51
H11 EDO N . -10.33 -7.68 -9.04
H12 EDO N . -10.10 -7.36 -7.31
HO1 EDO N . -11.73 -6.00 -8.34
H21 EDO N . -11.84 -9.56 -8.55
H22 EDO N . -10.32 -9.78 -7.67
HO2 EDO N . -12.27 -10.10 -6.36
C1 EDO O . -12.26 23.09 -6.40
O1 EDO O . -12.99 22.13 -7.17
C2 EDO O . -12.50 22.81 -4.92
O2 EDO O . -12.25 21.42 -4.67
H11 EDO O . -11.20 23.02 -6.63
H12 EDO O . -12.60 24.10 -6.66
HO1 EDO O . -12.91 22.33 -8.11
H21 EDO O . -11.84 23.43 -4.32
H22 EDO O . -13.53 23.06 -4.67
HO2 EDO O . -12.43 21.23 -3.74
C1 EDO P . -16.21 -9.46 -0.98
O1 EDO P . -15.48 -8.85 0.09
C2 EDO P . -15.28 -10.18 -1.94
O2 EDO P . -15.17 -11.57 -1.58
H11 EDO P . -16.93 -10.17 -0.57
H12 EDO P . -16.77 -8.69 -1.53
HO1 EDO P . -16.08 -8.32 0.62
H21 EDO P . -15.66 -10.10 -2.96
H22 EDO P . -14.29 -9.72 -1.92
HO2 EDO P . -14.63 -12.04 -2.23
#